data_7PVH
#
_entry.id   7PVH
#
_cell.length_a   47.731
_cell.length_b   132.538
_cell.length_c   133.739
_cell.angle_alpha   90.000
_cell.angle_beta   90.000
_cell.angle_gamma   90.000
#
_symmetry.space_group_name_H-M   'C 2 2 21'
#
loop_
_entity.id
_entity.type
_entity.pdbx_description
1 polymer 'Por secretion system protein porN/gldN'
2 water water
#
_entity_poly.entity_id   1
_entity_poly.type   'polypeptide(L)'
_entity_poly.pdbx_seq_one_letter_code
;SQENTNNRSPQVGRAPRNTEVEQ(MSE)TTLSNRAQEFNRRLTQKTDNAPWRRVVYRRVDL(MSE)EESNAVLYYPPRPI
GDRKNLFSTIFGLINSNSLDVYEYLDGFEAFTDQYKIKFQEFLDRFGIYYQPSTNKNAELFKVADSDIPSAEVKAYYVKE
EWYFTPTNSDVDIKIQAICPI(MSE)TGQDEFGEVRNQPLFWIPYENIRPYIARERV(MSE)LSSLNNTRNSTIDDFFRL
NLYKGDIVKTENLHNRALAE
;
_entity_poly.pdbx_strand_id   A,B
#
# COMPACT_ATOMS: atom_id res chain seq x y z
N ALA A 45 34.39 -13.50 6.42
CA ALA A 45 34.61 -14.65 5.55
C ALA A 45 33.35 -15.11 4.78
N PRO A 46 32.15 -15.35 5.40
CA PRO A 46 30.98 -15.74 4.59
C PRO A 46 30.52 -14.58 3.72
N TRP A 47 30.06 -14.88 2.50
CA TRP A 47 29.64 -13.86 1.52
C TRP A 47 28.21 -14.08 1.07
N ARG A 48 27.31 -13.26 1.62
CA ARG A 48 25.89 -13.40 1.34
C ARG A 48 25.25 -12.13 0.88
N ARG A 49 24.27 -12.29 0.00
CA ARG A 49 23.47 -11.18 -0.43
C ARG A 49 22.04 -11.60 -0.68
N VAL A 50 21.17 -10.63 -0.62
CA VAL A 50 19.75 -10.78 -0.88
C VAL A 50 19.48 -10.08 -2.20
N VAL A 51 18.78 -10.77 -3.12
CA VAL A 51 18.45 -10.27 -4.45
C VAL A 51 16.93 -10.31 -4.65
N TYR A 52 16.33 -9.20 -5.09
CA TYR A 52 14.90 -9.16 -5.37
C TYR A 52 14.74 -9.08 -6.86
N ARG A 53 13.87 -9.93 -7.37
CA ARG A 53 13.63 -10.07 -8.78
C ARG A 53 12.16 -9.84 -9.08
N ARG A 54 11.86 -9.09 -10.15
CA ARG A 54 10.48 -8.91 -10.56
C ARG A 54 10.19 -9.98 -11.61
N VAL A 55 9.21 -10.85 -11.34
CA VAL A 55 8.86 -11.96 -12.23
C VAL A 55 7.52 -11.65 -12.92
N ASP A 56 7.58 -11.32 -14.20
CA ASP A 56 6.43 -10.97 -15.04
C ASP A 56 5.76 -12.24 -15.58
N LEU A 57 4.48 -12.43 -15.24
CA LEU A 57 3.71 -13.63 -15.61
C LEU A 57 3.24 -13.64 -17.08
N MSE A 58 3.42 -12.53 -17.80
CA MSE A 58 3.08 -12.38 -19.21
C MSE A 58 4.17 -12.98 -20.11
O MSE A 58 3.92 -13.23 -21.29
CB MSE A 58 2.81 -10.91 -19.54
CG MSE A 58 1.72 -10.30 -18.69
SE MSE A 58 0.01 -11.25 -18.87
CE MSE A 58 -0.05 -12.24 -17.16
N GLU A 59 5.36 -13.24 -19.54
CA GLU A 59 6.49 -13.86 -20.24
C GLU A 59 6.28 -15.36 -20.24
N GLU A 60 6.53 -16.00 -21.40
CA GLU A 60 6.39 -17.45 -21.62
C GLU A 60 6.99 -18.30 -20.49
N SER A 61 8.22 -17.97 -20.04
CA SER A 61 8.93 -18.69 -18.97
C SER A 61 8.18 -18.73 -17.65
N ASN A 62 7.40 -17.68 -17.35
CA ASN A 62 6.65 -17.54 -16.10
C ASN A 62 5.15 -17.73 -16.22
N ALA A 63 4.63 -17.92 -17.46
CA ALA A 63 3.18 -18.08 -17.73
C ALA A 63 2.52 -19.20 -16.93
N VAL A 64 3.32 -20.23 -16.56
CA VAL A 64 2.90 -21.39 -15.76
C VAL A 64 2.28 -20.99 -14.38
N LEU A 65 2.69 -19.86 -13.81
CA LEU A 65 2.22 -19.38 -12.52
C LEU A 65 0.91 -18.65 -12.65
N TYR A 66 0.53 -18.27 -13.89
CA TYR A 66 -0.68 -17.51 -14.19
C TYR A 66 -1.86 -18.35 -14.73
N TYR A 67 -1.60 -19.42 -15.52
CA TYR A 67 -2.68 -20.21 -16.11
C TYR A 67 -3.28 -21.22 -15.14
N PRO A 68 -4.62 -21.35 -15.04
CA PRO A 68 -5.67 -20.52 -15.65
C PRO A 68 -5.87 -19.22 -14.84
N PRO A 69 -6.20 -18.05 -15.49
CA PRO A 69 -6.37 -16.79 -14.74
C PRO A 69 -7.40 -16.85 -13.62
N ARG A 70 -8.44 -17.65 -13.83
CA ARG A 70 -9.49 -17.95 -12.85
C ARG A 70 -9.60 -19.48 -12.78
N PRO A 71 -9.92 -20.10 -11.63
CA PRO A 71 -9.99 -21.57 -11.60
C PRO A 71 -10.95 -22.16 -12.63
N ILE A 72 -10.52 -23.23 -13.35
CA ILE A 72 -11.33 -23.96 -14.35
C ILE A 72 -11.22 -25.41 -13.95
N GLY A 73 -12.35 -26.03 -13.66
CA GLY A 73 -12.41 -27.42 -13.22
C GLY A 73 -11.62 -27.64 -11.96
N ASP A 74 -10.58 -28.51 -12.04
CA ASP A 74 -9.69 -28.85 -10.93
C ASP A 74 -8.44 -27.95 -10.87
N ARG A 75 -8.13 -27.25 -11.99
CA ARG A 75 -6.95 -26.41 -12.05
C ARG A 75 -7.19 -24.95 -11.60
N LYS A 76 -6.17 -24.41 -10.96
CA LYS A 76 -6.11 -23.05 -10.43
C LYS A 76 -4.67 -22.60 -10.51
N ASN A 77 -4.44 -21.28 -10.64
CA ASN A 77 -3.08 -20.76 -10.70
C ASN A 77 -2.50 -20.58 -9.27
N LEU A 78 -1.24 -20.16 -9.19
CA LEU A 78 -0.55 -19.96 -7.92
C LEU A 78 -1.28 -18.97 -6.97
N PHE A 79 -1.77 -17.82 -7.46
CA PHE A 79 -2.48 -16.87 -6.60
C PHE A 79 -3.76 -17.47 -6.01
N SER A 80 -4.57 -18.16 -6.87
CA SER A 80 -5.81 -18.80 -6.38
C SER A 80 -5.45 -19.81 -5.28
N THR A 81 -4.33 -20.55 -5.44
CA THR A 81 -3.84 -21.51 -4.43
C THR A 81 -3.49 -20.78 -3.14
N ILE A 82 -2.68 -19.72 -3.23
CA ILE A 82 -2.26 -18.91 -2.08
C ILE A 82 -3.50 -18.36 -1.33
N PHE A 83 -4.42 -17.75 -2.08
CA PHE A 83 -5.61 -17.15 -1.48
C PHE A 83 -6.44 -18.20 -0.71
N GLY A 84 -6.66 -19.36 -1.32
CA GLY A 84 -7.37 -20.48 -0.70
C GLY A 84 -6.69 -20.93 0.57
N LEU A 85 -5.35 -20.98 0.55
CA LEU A 85 -4.57 -21.41 1.72
C LEU A 85 -4.64 -20.41 2.89
N ILE A 86 -4.63 -19.10 2.61
CA ILE A 86 -4.78 -18.07 3.66
C ILE A 86 -6.18 -18.17 4.25
N ASN A 87 -7.21 -18.29 3.37
CA ASN A 87 -8.60 -18.39 3.82
C ASN A 87 -8.85 -19.63 4.68
N SER A 88 -8.15 -20.75 4.39
CA SER A 88 -8.31 -21.98 5.16
C SER A 88 -7.36 -22.03 6.36
N ASN A 89 -6.72 -20.90 6.74
CA ASN A 89 -5.76 -20.80 7.84
C ASN A 89 -4.61 -21.83 7.70
N SER A 90 -4.13 -22.02 6.46
CA SER A 90 -3.05 -22.96 6.15
C SER A 90 -1.77 -22.23 5.72
N LEU A 91 -1.79 -20.90 5.67
CA LEU A 91 -0.64 -20.14 5.21
C LEU A 91 -0.54 -18.78 5.89
N ASP A 92 0.58 -18.54 6.57
CA ASP A 92 0.88 -17.25 7.21
C ASP A 92 1.60 -16.38 6.20
N VAL A 93 1.02 -15.18 5.95
CA VAL A 93 1.58 -14.20 5.03
C VAL A 93 1.83 -12.89 5.79
N TYR A 94 2.76 -12.06 5.30
CA TYR A 94 3.20 -10.88 6.03
C TYR A 94 3.07 -9.60 5.25
N GLU A 95 2.82 -8.52 5.96
CA GLU A 95 2.62 -7.18 5.40
C GLU A 95 3.77 -6.76 4.51
N TYR A 96 3.46 -6.16 3.35
CA TYR A 96 4.49 -5.62 2.48
C TYR A 96 4.89 -4.25 3.04
N LEU A 97 6.17 -4.13 3.41
CA LEU A 97 6.77 -2.92 3.97
C LEU A 97 7.83 -2.44 2.99
N ASP A 98 7.91 -1.12 2.76
CA ASP A 98 8.87 -0.59 1.79
C ASP A 98 10.28 -0.45 2.36
N GLY A 99 11.15 -1.40 2.00
CA GLY A 99 12.55 -1.35 2.42
C GLY A 99 13.07 -2.57 3.15
N PHE A 100 12.17 -3.36 3.80
CA PHE A 100 12.53 -4.57 4.55
C PHE A 100 11.38 -5.56 4.72
N GLU A 101 11.71 -6.81 5.10
CA GLU A 101 10.71 -7.84 5.36
C GLU A 101 10.83 -8.27 6.81
N ALA A 102 9.69 -8.36 7.50
CA ALA A 102 9.60 -8.77 8.89
C ALA A 102 8.54 -9.87 8.95
N PHE A 103 8.99 -11.11 9.21
CA PHE A 103 8.09 -12.27 9.28
C PHE A 103 7.77 -12.60 10.74
N THR A 104 7.27 -11.58 11.44
CA THR A 104 6.91 -11.58 12.86
C THR A 104 5.40 -11.46 13.02
N ASP A 105 4.88 -11.87 14.20
CA ASP A 105 3.45 -11.82 14.53
C ASP A 105 2.83 -10.43 14.36
N GLN A 106 3.62 -9.37 14.63
CA GLN A 106 3.23 -7.97 14.48
C GLN A 106 2.84 -7.67 13.02
N TYR A 107 3.59 -8.22 12.05
CA TYR A 107 3.35 -7.96 10.63
C TYR A 107 2.62 -9.08 9.90
N LYS A 108 2.08 -10.06 10.64
CA LYS A 108 1.25 -11.12 10.08
C LYS A 108 -0.02 -10.47 9.53
N ILE A 109 -0.41 -10.83 8.31
CA ILE A 109 -1.59 -10.26 7.68
C ILE A 109 -2.86 -10.61 8.47
N LYS A 110 -3.75 -9.63 8.63
CA LYS A 110 -5.07 -9.85 9.23
C LYS A 110 -5.95 -9.94 7.99
N PHE A 111 -6.33 -11.16 7.65
CA PHE A 111 -7.05 -11.46 6.42
C PHE A 111 -8.29 -10.57 6.15
N GLN A 112 -9.14 -10.32 7.16
CA GLN A 112 -10.33 -9.47 6.95
C GLN A 112 -9.93 -8.04 6.52
N GLU A 113 -8.88 -7.50 7.17
CA GLU A 113 -8.32 -6.17 6.89
C GLU A 113 -7.80 -6.18 5.46
N PHE A 114 -7.16 -7.29 5.02
CA PHE A 114 -6.66 -7.46 3.65
C PHE A 114 -7.82 -7.39 2.63
N LEU A 115 -8.90 -8.14 2.90
CA LEU A 115 -10.10 -8.18 2.04
C LEU A 115 -10.76 -6.82 1.94
N ASP A 116 -10.88 -6.10 3.08
CA ASP A 116 -11.46 -4.76 3.13
C ASP A 116 -10.58 -3.76 2.41
N ARG A 117 -9.25 -3.84 2.62
CA ARG A 117 -8.28 -2.95 2.00
C ARG A 117 -8.30 -3.04 0.48
N PHE A 118 -8.46 -4.25 -0.09
CA PHE A 118 -8.39 -4.42 -1.53
C PHE A 118 -9.77 -4.62 -2.21
N GLY A 119 -10.84 -4.32 -1.48
CA GLY A 119 -12.23 -4.34 -1.95
C GLY A 119 -12.72 -5.69 -2.45
N ILE A 120 -12.32 -6.77 -1.78
CA ILE A 120 -12.72 -8.11 -2.19
C ILE A 120 -13.98 -8.47 -1.45
N TYR A 121 -15.10 -8.71 -2.18
CA TYR A 121 -16.38 -9.06 -1.58
C TYR A 121 -16.31 -10.38 -0.84
N TYR A 122 -16.83 -10.40 0.39
CA TYR A 122 -16.85 -11.61 1.19
C TYR A 122 -18.13 -11.69 2.00
N GLN A 123 -18.42 -12.87 2.49
CA GLN A 123 -19.59 -13.16 3.31
C GLN A 123 -19.13 -14.00 4.49
N PRO A 124 -19.95 -14.12 5.56
CA PRO A 124 -19.53 -14.95 6.69
C PRO A 124 -19.38 -16.42 6.28
N SER A 125 -18.44 -17.08 6.92
CA SER A 125 -18.18 -18.50 6.70
C SER A 125 -19.18 -19.32 7.52
N THR A 126 -19.65 -20.45 6.98
CA THR A 126 -20.56 -21.31 7.73
C THR A 126 -19.79 -22.39 8.53
N ASN A 127 -18.45 -22.42 8.34
CA ASN A 127 -17.53 -23.34 9.02
C ASN A 127 -16.15 -22.67 9.11
N LYS A 128 -15.92 -21.96 10.25
CA LYS A 128 -14.70 -21.20 10.54
C LYS A 128 -13.42 -22.06 10.53
N ASN A 129 -13.55 -23.39 10.73
CA ASN A 129 -12.43 -24.32 10.69
C ASN A 129 -11.97 -24.59 9.25
N ALA A 130 -12.91 -24.58 8.28
CA ALA A 130 -12.59 -24.79 6.87
C ALA A 130 -12.16 -23.48 6.20
N GLU A 131 -12.84 -22.35 6.52
CA GLU A 131 -12.51 -21.04 5.94
C GLU A 131 -12.86 -19.87 6.86
N LEU A 132 -12.01 -18.83 6.84
CA LEU A 132 -12.20 -17.63 7.65
C LEU A 132 -13.40 -16.83 7.14
N PHE A 133 -13.58 -16.80 5.82
CA PHE A 133 -14.68 -16.12 5.13
C PHE A 133 -15.13 -16.88 3.91
N LYS A 134 -16.37 -16.65 3.47
CA LYS A 134 -16.86 -17.24 2.23
C LYS A 134 -16.52 -16.22 1.14
N VAL A 135 -15.63 -16.61 0.21
CA VAL A 135 -15.18 -15.75 -0.91
C VAL A 135 -15.32 -16.55 -2.21
N ALA A 136 -16.15 -16.06 -3.14
CA ALA A 136 -16.34 -16.68 -4.45
C ALA A 136 -15.08 -16.43 -5.30
N ASP A 137 -14.78 -17.38 -6.23
CA ASP A 137 -13.63 -17.27 -7.12
C ASP A 137 -13.63 -15.98 -7.97
N SER A 138 -14.82 -15.57 -8.44
CA SER A 138 -14.97 -14.38 -9.30
C SER A 138 -14.55 -13.08 -8.58
N ASP A 139 -14.56 -13.08 -7.21
CA ASP A 139 -14.17 -11.91 -6.43
C ASP A 139 -12.68 -11.95 -6.06
N ILE A 140 -12.02 -13.11 -6.22
CA ILE A 140 -10.60 -13.31 -5.91
C ILE A 140 -9.79 -12.72 -7.10
N PRO A 141 -8.83 -11.80 -6.83
CA PRO A 141 -8.08 -11.13 -7.94
C PRO A 141 -6.93 -11.93 -8.58
N SER A 142 -7.20 -13.21 -8.84
CA SER A 142 -6.23 -14.13 -9.41
C SER A 142 -5.84 -13.77 -10.86
N ALA A 143 -6.76 -13.14 -11.63
CA ALA A 143 -6.47 -12.71 -13.01
C ALA A 143 -5.70 -11.39 -13.02
N GLU A 144 -5.78 -10.65 -11.91
CA GLU A 144 -5.16 -9.33 -11.77
C GLU A 144 -3.72 -9.39 -11.26
N VAL A 145 -3.31 -10.55 -10.70
CA VAL A 145 -1.93 -10.75 -10.22
C VAL A 145 -1.11 -11.23 -11.44
N LYS A 146 -0.42 -10.27 -12.12
CA LYS A 146 0.34 -10.55 -13.35
C LYS A 146 1.85 -10.54 -13.15
N ALA A 147 2.28 -10.46 -11.88
CA ALA A 147 3.69 -10.43 -11.53
C ALA A 147 3.89 -10.78 -10.05
N TYR A 148 5.11 -11.23 -9.71
CA TYR A 148 5.53 -11.51 -8.34
C TYR A 148 6.92 -10.93 -8.10
N TYR A 149 7.17 -10.49 -6.85
CA TYR A 149 8.53 -10.15 -6.44
C TYR A 149 9.05 -11.47 -5.83
N VAL A 150 10.27 -11.83 -6.17
CA VAL A 150 10.90 -13.05 -5.65
C VAL A 150 12.17 -12.61 -4.91
N LYS A 151 12.27 -12.94 -3.62
CA LYS A 151 13.43 -12.62 -2.81
C LYS A 151 14.31 -13.88 -2.79
N GLU A 152 15.57 -13.73 -3.18
CA GLU A 152 16.51 -14.84 -3.18
C GLU A 152 17.66 -14.52 -2.26
N GLU A 153 18.33 -15.56 -1.76
CA GLU A 153 19.53 -15.39 -0.97
C GLU A 153 20.67 -16.12 -1.67
N TRP A 154 21.75 -15.38 -1.93
CA TRP A 154 22.97 -15.86 -2.61
C TRP A 154 23.98 -16.13 -1.52
N TYR A 155 24.55 -17.34 -1.52
CA TYR A 155 25.49 -17.82 -0.52
C TYR A 155 26.75 -18.32 -1.22
N PHE A 156 27.91 -17.80 -0.83
CA PHE A 156 29.18 -18.28 -1.35
C PHE A 156 29.56 -19.50 -0.51
N THR A 157 29.93 -20.61 -1.20
CA THR A 157 30.36 -21.83 -0.54
C THR A 157 31.89 -21.88 -0.58
N PRO A 158 32.56 -21.86 0.59
CA PRO A 158 34.04 -21.80 0.62
C PRO A 158 34.77 -22.94 -0.10
N THR A 159 34.37 -24.20 0.17
CA THR A 159 34.99 -25.40 -0.43
C THR A 159 34.69 -25.52 -1.92
N ASN A 160 33.44 -25.26 -2.31
CA ASN A 160 32.97 -25.34 -3.69
C ASN A 160 33.45 -24.16 -4.55
N SER A 161 33.75 -23.00 -3.90
CA SER A 161 34.13 -21.71 -4.49
C SER A 161 33.00 -21.13 -5.39
N ASP A 162 31.80 -21.73 -5.31
CA ASP A 162 30.61 -21.41 -6.09
C ASP A 162 29.50 -20.74 -5.26
N VAL A 163 28.49 -20.17 -5.95
CA VAL A 163 27.40 -19.49 -5.28
C VAL A 163 26.07 -20.24 -5.43
N ASP A 164 25.41 -20.47 -4.29
CA ASP A 164 24.11 -21.10 -4.21
C ASP A 164 23.04 -20.01 -4.15
N ILE A 165 22.02 -20.12 -5.01
CA ILE A 165 20.90 -19.17 -5.08
C ILE A 165 19.68 -19.88 -4.53
N LYS A 166 19.14 -19.38 -3.43
CA LYS A 166 18.01 -20.02 -2.75
C LYS A 166 16.86 -19.04 -2.59
N ILE A 167 15.68 -19.43 -3.06
CA ILE A 167 14.46 -18.62 -2.93
C ILE A 167 14.07 -18.52 -1.43
N GLN A 168 13.77 -17.30 -0.96
CA GLN A 168 13.41 -17.04 0.44
C GLN A 168 11.95 -16.70 0.65
N ALA A 169 11.37 -15.94 -0.27
CA ALA A 169 9.99 -15.45 -0.17
C ALA A 169 9.46 -14.96 -1.50
N ILE A 170 8.14 -14.91 -1.66
CA ILE A 170 7.49 -14.41 -2.87
C ILE A 170 6.40 -13.42 -2.51
N CYS A 171 6.16 -12.44 -3.38
CA CYS A 171 5.18 -11.40 -3.15
C CYS A 171 4.29 -11.19 -4.39
N PRO A 172 3.00 -11.58 -4.36
CA PRO A 172 2.12 -11.28 -5.52
C PRO A 172 1.87 -9.79 -5.70
N ILE A 173 1.90 -9.32 -6.96
CA ILE A 173 1.67 -7.92 -7.30
C ILE A 173 0.36 -7.85 -8.08
N MSE A 174 -0.62 -7.15 -7.53
CA MSE A 174 -1.92 -7.00 -8.17
C MSE A 174 -1.95 -5.72 -9.01
O MSE A 174 -1.51 -4.67 -8.56
CB MSE A 174 -3.02 -6.99 -7.10
CG MSE A 174 -4.42 -6.98 -7.65
SE MSE A 174 -5.68 -6.81 -6.22
CE MSE A 174 -5.33 -4.93 -5.73
N THR A 175 -2.46 -5.84 -10.25
CA THR A 175 -2.66 -4.72 -11.18
C THR A 175 -4.16 -4.57 -11.35
N GLY A 176 -4.67 -3.36 -11.16
CA GLY A 176 -6.08 -3.10 -11.31
C GLY A 176 -6.47 -1.68 -11.00
N GLN A 177 -7.72 -1.34 -11.28
CA GLN A 177 -8.25 -0.02 -11.01
C GLN A 177 -8.70 0.07 -9.57
N ASP A 178 -8.30 1.17 -8.90
CA ASP A 178 -8.73 1.45 -7.54
C ASP A 178 -10.12 2.10 -7.60
N GLU A 179 -10.72 2.43 -6.44
CA GLU A 179 -12.05 3.06 -6.33
C GLU A 179 -12.14 4.41 -7.06
N PHE A 180 -10.99 5.09 -7.27
CA PHE A 180 -10.91 6.41 -7.89
C PHE A 180 -10.44 6.39 -9.37
N GLY A 181 -10.55 5.24 -10.01
CA GLY A 181 -10.19 5.05 -11.42
C GLY A 181 -8.72 4.89 -11.77
N GLU A 182 -7.82 4.96 -10.77
CA GLU A 182 -6.38 4.84 -11.00
C GLU A 182 -5.90 3.40 -11.10
N VAL A 183 -5.15 3.10 -12.18
CA VAL A 183 -4.55 1.77 -12.37
C VAL A 183 -3.26 1.80 -11.54
N ARG A 184 -3.15 0.84 -10.60
CA ARG A 184 -2.01 0.74 -9.70
C ARG A 184 -1.45 -0.67 -9.64
N ASN A 185 -0.13 -0.77 -9.41
CA ASN A 185 0.59 -2.02 -9.19
C ASN A 185 0.79 -2.07 -7.70
N GLN A 186 0.17 -3.04 -7.04
CA GLN A 186 0.24 -3.11 -5.58
C GLN A 186 0.79 -4.43 -5.09
N PRO A 187 2.00 -4.42 -4.46
CA PRO A 187 2.52 -5.65 -3.84
C PRO A 187 1.55 -5.98 -2.69
N LEU A 188 1.05 -7.21 -2.64
CA LEU A 188 -0.01 -7.59 -1.68
C LEU A 188 0.50 -7.98 -0.30
N PHE A 189 1.52 -8.86 -0.24
CA PHE A 189 2.08 -9.41 1.01
C PHE A 189 3.23 -10.32 0.66
N TRP A 190 4.07 -10.67 1.65
CA TRP A 190 5.19 -11.58 1.49
C TRP A 190 4.84 -12.94 2.02
N ILE A 191 5.18 -13.96 1.24
CA ILE A 191 4.95 -15.35 1.62
C ILE A 191 6.34 -15.95 1.85
N PRO A 192 6.73 -16.29 3.11
CA PRO A 192 8.02 -16.98 3.30
C PRO A 192 7.96 -18.30 2.51
N TYR A 193 9.00 -18.58 1.73
CA TYR A 193 9.03 -19.74 0.86
C TYR A 193 8.77 -21.07 1.61
N GLU A 194 9.28 -21.20 2.85
CA GLU A 194 9.07 -22.39 3.69
C GLU A 194 7.58 -22.66 4.01
N ASN A 195 6.79 -21.58 4.13
CA ASN A 195 5.36 -21.69 4.43
C ASN A 195 4.57 -22.28 3.25
N ILE A 196 4.92 -21.88 2.02
CA ILE A 196 4.20 -22.31 0.81
C ILE A 196 4.75 -23.62 0.23
N ARG A 197 6.06 -23.91 0.44
CA ARG A 197 6.76 -25.10 -0.07
C ARG A 197 5.95 -26.44 0.08
N PRO A 198 5.34 -26.79 1.25
CA PRO A 198 4.59 -28.07 1.34
C PRO A 198 3.42 -28.21 0.36
N TYR A 199 2.83 -27.09 -0.03
CA TYR A 199 1.65 -27.03 -0.91
C TYR A 199 2.01 -26.99 -2.38
N ILE A 200 3.01 -26.16 -2.76
CA ILE A 200 3.46 -26.09 -4.16
C ILE A 200 4.26 -27.35 -4.55
N ALA A 201 4.79 -28.11 -3.55
CA ALA A 201 5.48 -29.39 -3.80
C ALA A 201 4.45 -30.45 -4.22
N ARG A 202 3.14 -30.19 -3.99
CA ARG A 202 2.04 -31.08 -4.36
C ARG A 202 1.24 -30.53 -5.57
N GLU A 203 1.76 -29.49 -6.23
CA GLU A 203 1.11 -28.85 -7.37
C GLU A 203 1.91 -29.13 -8.63
N ARG A 204 1.41 -30.04 -9.48
CA ARG A 204 2.07 -30.40 -10.73
C ARG A 204 1.84 -29.34 -11.80
N VAL A 205 2.90 -29.06 -12.58
CA VAL A 205 2.88 -28.10 -13.69
C VAL A 205 3.74 -28.59 -14.85
N MSE A 206 3.29 -28.37 -16.08
CA MSE A 206 4.00 -28.75 -17.31
C MSE A 206 4.92 -27.62 -17.73
O MSE A 206 4.49 -26.48 -17.83
CB MSE A 206 3.00 -29.05 -18.43
CG MSE A 206 2.19 -30.31 -18.22
SE MSE A 206 1.56 -30.96 -19.92
CE MSE A 206 2.24 -32.77 -19.89
N LEU A 207 6.20 -27.94 -17.97
CA LEU A 207 7.22 -26.97 -18.39
C LEU A 207 7.95 -27.45 -19.64
N SER A 208 7.90 -26.65 -20.72
CA SER A 208 8.54 -26.97 -22.01
C SER A 208 10.06 -27.10 -21.90
N SER A 209 10.68 -26.36 -20.96
CA SER A 209 12.12 -26.41 -20.69
C SER A 209 12.51 -27.76 -20.06
N LEU A 210 11.53 -28.41 -19.40
CA LEU A 210 11.68 -29.73 -18.77
C LEU A 210 11.04 -30.82 -19.65
N ASN A 211 10.84 -30.49 -20.95
CA ASN A 211 10.26 -31.37 -21.99
C ASN A 211 8.87 -31.90 -21.60
N ASN A 212 8.09 -31.07 -20.89
CA ASN A 212 6.73 -31.33 -20.43
C ASN A 212 6.56 -32.65 -19.64
N THR A 213 7.47 -32.87 -18.65
CA THR A 213 7.37 -34.00 -17.73
C THR A 213 6.15 -33.79 -16.85
N ARG A 214 5.44 -34.87 -16.50
CA ARG A 214 4.28 -34.75 -15.61
C ARG A 214 4.68 -34.82 -14.13
N ASN A 215 6.01 -34.85 -13.86
CA ASN A 215 6.55 -34.94 -12.50
C ASN A 215 7.00 -33.61 -11.92
N SER A 216 7.10 -32.57 -12.75
CA SER A 216 7.54 -31.27 -12.25
C SER A 216 6.44 -30.56 -11.47
N THR A 217 6.85 -29.91 -10.38
CA THR A 217 5.93 -29.19 -9.50
C THR A 217 6.26 -27.71 -9.52
N ILE A 218 5.39 -26.88 -8.92
CA ILE A 218 5.60 -25.42 -8.80
C ILE A 218 6.80 -25.21 -7.87
N ASP A 219 7.00 -26.09 -6.88
CA ASP A 219 8.15 -26.07 -5.99
C ASP A 219 9.44 -26.26 -6.81
N ASP A 220 9.43 -27.17 -7.80
CA ASP A 220 10.59 -27.39 -8.68
C ASP A 220 10.88 -26.14 -9.47
N PHE A 221 9.82 -25.45 -9.97
CA PHE A 221 9.93 -24.23 -10.76
C PHE A 221 10.72 -23.18 -10.01
N PHE A 222 10.40 -22.99 -8.72
CA PHE A 222 11.08 -22.02 -7.87
C PHE A 222 12.47 -22.50 -7.39
N ARG A 223 12.57 -23.74 -6.84
CA ARG A 223 13.82 -24.30 -6.33
C ARG A 223 14.90 -24.39 -7.42
N LEU A 224 14.49 -24.69 -8.67
CA LEU A 224 15.42 -24.83 -9.79
C LEU A 224 15.66 -23.54 -10.57
N ASN A 225 15.17 -22.38 -10.03
CA ASN A 225 15.30 -21.03 -10.59
C ASN A 225 14.87 -20.97 -12.07
N LEU A 226 13.71 -21.60 -12.38
CA LEU A 226 13.18 -21.64 -13.74
C LEU A 226 12.41 -20.37 -14.11
N TYR A 227 12.09 -19.56 -13.09
CA TYR A 227 11.45 -18.26 -13.29
C TYR A 227 12.47 -17.30 -13.91
N LYS A 228 11.97 -16.29 -14.62
CA LYS A 228 12.83 -15.28 -15.23
C LYS A 228 12.36 -13.91 -14.85
N GLY A 229 13.30 -13.06 -14.51
CA GLY A 229 13.00 -11.70 -14.12
C GLY A 229 14.21 -10.85 -13.88
N ASP A 230 13.99 -9.54 -13.88
CA ASP A 230 15.05 -8.56 -13.67
C ASP A 230 15.25 -8.27 -12.20
N ILE A 231 16.52 -8.02 -11.82
CA ILE A 231 16.91 -7.68 -10.47
C ILE A 231 16.48 -6.23 -10.23
N VAL A 232 15.64 -6.02 -9.22
CA VAL A 232 15.10 -4.70 -8.89
C VAL A 232 15.73 -4.13 -7.61
N LYS A 233 16.44 -4.95 -6.83
CA LYS A 233 17.10 -4.55 -5.57
C LYS A 233 18.11 -5.61 -5.13
N THR A 234 19.21 -5.16 -4.52
CA THR A 234 20.25 -6.03 -3.93
C THR A 234 20.62 -5.46 -2.57
N GLU A 235 20.92 -6.34 -1.64
CA GLU A 235 21.30 -5.96 -0.29
C GLU A 235 22.40 -6.91 0.16
N ASN A 236 23.53 -6.35 0.56
CA ASN A 236 24.63 -7.15 1.08
C ASN A 236 24.34 -7.42 2.53
N LEU A 237 24.56 -8.65 2.97
CA LEU A 237 24.29 -9.01 4.35
C LEU A 237 25.58 -8.88 5.15
N HIS A 238 25.50 -8.21 6.30
CA HIS A 238 26.65 -7.98 7.15
C HIS A 238 26.52 -8.73 8.48
N ASN A 239 27.23 -9.87 8.59
CA ASN A 239 27.25 -10.73 9.78
C ASN A 239 28.03 -10.07 10.91
N TRP B 47 -30.96 15.23 -0.36
CA TRP B 47 -30.28 16.12 0.56
C TRP B 47 -28.76 15.93 0.47
N ARG B 48 -28.22 14.84 1.05
CA ARG B 48 -26.78 14.53 1.10
C ARG B 48 -26.27 13.65 -0.06
N ARG B 49 -24.97 13.79 -0.39
CA ARG B 49 -24.26 13.04 -1.45
C ARG B 49 -22.75 13.10 -1.14
N VAL B 50 -22.03 11.95 -1.22
CA VAL B 50 -20.58 11.92 -0.97
C VAL B 50 -19.82 12.03 -2.29
N VAL B 51 -18.93 13.02 -2.37
CA VAL B 51 -18.11 13.31 -3.55
C VAL B 51 -16.63 13.31 -3.17
N TYR B 52 -15.82 12.63 -3.97
CA TYR B 52 -14.38 12.61 -3.77
C TYR B 52 -13.74 13.42 -4.86
N ARG B 53 -12.82 14.28 -4.48
CA ARG B 53 -12.13 15.18 -5.39
C ARG B 53 -10.63 14.98 -5.28
N ARG B 54 -9.92 14.93 -6.42
CA ARG B 54 -8.47 14.84 -6.39
C ARG B 54 -7.95 16.28 -6.48
N VAL B 55 -7.20 16.72 -5.47
CA VAL B 55 -6.66 18.08 -5.41
C VAL B 55 -5.15 18.04 -5.67
N ASP B 56 -4.75 18.52 -6.84
CA ASP B 56 -3.36 18.56 -7.31
C ASP B 56 -2.66 19.80 -6.75
N LEU B 57 -1.65 19.56 -5.86
CA LEU B 57 -0.88 20.60 -5.19
C LEU B 57 0.02 21.43 -6.09
N MSE B 58 0.24 20.96 -7.32
CA MSE B 58 1.07 21.66 -8.30
C MSE B 58 0.37 22.87 -8.89
O MSE B 58 1.03 23.88 -9.17
CB MSE B 58 1.62 20.71 -9.37
CG MSE B 58 2.74 19.79 -8.87
SE MSE B 58 4.14 20.63 -7.75
CE MSE B 58 4.62 22.14 -8.92
N GLU B 59 -0.98 22.79 -9.04
CA GLU B 59 -1.84 23.85 -9.57
C GLU B 59 -1.78 25.06 -8.64
N GLU B 60 -1.66 26.26 -9.23
CA GLU B 60 -1.57 27.55 -8.53
C GLU B 60 -2.60 27.70 -7.41
N SER B 61 -3.88 27.34 -7.67
CA SER B 61 -4.97 27.43 -6.68
C SER B 61 -4.71 26.63 -5.41
N ASN B 62 -4.02 25.50 -5.52
CA ASN B 62 -3.73 24.57 -4.41
C ASN B 62 -2.30 24.63 -3.89
N ALA B 63 -1.41 25.40 -4.54
CA ALA B 63 0.01 25.52 -4.16
C ALA B 63 0.23 25.92 -2.69
N VAL B 64 -0.72 26.65 -2.08
CA VAL B 64 -0.69 27.09 -0.69
C VAL B 64 -0.56 25.91 0.34
N LEU B 65 -1.06 24.73 -0.03
CA LEU B 65 -1.02 23.53 0.83
C LEU B 65 0.32 22.83 0.76
N TYR B 66 1.11 23.13 -0.29
CA TYR B 66 2.40 22.51 -0.56
C TYR B 66 3.57 23.38 -0.10
N TYR B 67 3.28 24.67 0.10
CA TYR B 67 4.13 25.80 0.47
C TYR B 67 4.56 25.84 1.97
N PRO B 68 5.85 25.65 2.34
CA PRO B 68 7.04 25.25 1.55
C PRO B 68 7.17 23.72 1.42
N PRO B 69 7.91 23.13 0.42
CA PRO B 69 7.98 21.65 0.32
C PRO B 69 8.52 20.95 1.57
N ARG B 70 9.45 21.58 2.30
CA ARG B 70 9.98 21.09 3.57
C ARG B 70 10.02 22.26 4.55
N PRO B 71 9.99 22.03 5.90
CA PRO B 71 9.95 23.18 6.84
C PRO B 71 11.11 24.17 6.71
N ILE B 72 10.82 25.39 6.23
CA ILE B 72 11.83 26.45 6.13
C ILE B 72 11.80 27.23 7.45
N GLY B 73 12.67 26.83 8.37
CA GLY B 73 12.79 27.39 9.71
C GLY B 73 11.60 27.07 10.58
N ASP B 74 10.55 27.91 10.49
CA ASP B 74 9.31 27.77 11.25
C ASP B 74 8.09 27.56 10.36
N ARG B 75 8.19 27.94 9.07
CA ARG B 75 7.12 27.79 8.07
C ARG B 75 7.05 26.32 7.64
N LYS B 76 5.91 25.66 7.90
CA LYS B 76 5.70 24.27 7.49
C LYS B 76 4.41 24.10 6.69
N ASN B 77 4.42 23.21 5.67
CA ASN B 77 3.23 22.98 4.84
C ASN B 77 2.21 22.07 5.57
N LEU B 78 1.04 21.83 4.93
CA LEU B 78 -0.03 21.01 5.53
C LEU B 78 0.43 19.59 5.90
N PHE B 79 1.16 18.89 5.00
CA PHE B 79 1.64 17.55 5.32
C PHE B 79 2.60 17.56 6.52
N SER B 80 3.53 18.51 6.59
CA SER B 80 4.47 18.64 7.70
C SER B 80 3.75 18.83 9.05
N THR B 81 2.65 19.62 9.05
CA THR B 81 1.80 19.88 10.21
C THR B 81 1.14 18.57 10.61
N ILE B 82 0.52 17.85 9.63
CA ILE B 82 -0.14 16.57 9.85
C ILE B 82 0.84 15.56 10.46
N PHE B 83 2.02 15.40 9.82
CA PHE B 83 3.04 14.45 10.26
C PHE B 83 3.49 14.74 11.68
N GLY B 84 3.77 16.02 11.97
CA GLY B 84 4.15 16.51 13.29
C GLY B 84 3.10 16.21 14.34
N LEU B 85 1.81 16.38 14.02
CA LEU B 85 0.72 16.10 14.97
C LEU B 85 0.56 14.61 15.26
N ILE B 86 0.70 13.75 14.23
CA ILE B 86 0.62 12.30 14.45
C ILE B 86 1.80 11.87 15.34
N ASN B 87 3.02 12.37 15.04
CA ASN B 87 4.22 12.06 15.82
C ASN B 87 4.12 12.56 17.27
N SER B 88 3.42 13.68 17.51
CA SER B 88 3.24 14.22 18.86
C SER B 88 1.99 13.64 19.56
N ASN B 89 1.34 12.62 18.95
CA ASN B 89 0.11 11.96 19.44
C ASN B 89 -1.06 12.97 19.59
N SER B 90 -1.17 13.92 18.64
CA SER B 90 -2.20 14.96 18.66
C SER B 90 -3.24 14.79 17.53
N LEU B 91 -3.09 13.75 16.68
CA LEU B 91 -4.00 13.56 15.55
C LEU B 91 -4.22 12.09 15.24
N ASP B 92 -5.50 11.68 15.22
CA ASP B 92 -5.91 10.32 14.86
C ASP B 92 -6.18 10.27 13.35
N VAL B 93 -5.47 9.38 12.67
CA VAL B 93 -5.62 9.17 11.22
C VAL B 93 -5.98 7.70 10.96
N TYR B 94 -6.63 7.41 9.82
CA TYR B 94 -7.16 6.08 9.56
C TYR B 94 -6.69 5.48 8.27
N GLU B 95 -6.57 4.14 8.26
CA GLU B 95 -6.10 3.37 7.11
C GLU B 95 -6.90 3.66 5.85
N TYR B 96 -6.17 3.79 4.72
CA TYR B 96 -6.82 3.98 3.44
C TYR B 96 -7.28 2.58 2.95
N LEU B 97 -8.59 2.43 2.77
CA LEU B 97 -9.23 1.20 2.32
C LEU B 97 -9.88 1.47 0.97
N ASP B 98 -9.76 0.54 0.02
CA ASP B 98 -10.31 0.74 -1.31
C ASP B 98 -11.81 0.45 -1.38
N GLY B 99 -12.62 1.50 -1.38
CA GLY B 99 -14.06 1.39 -1.50
C GLY B 99 -14.87 2.08 -0.42
N PHE B 100 -14.31 2.25 0.79
CA PHE B 100 -15.01 2.88 1.94
C PHE B 100 -14.05 3.46 2.99
N GLU B 101 -14.58 4.30 3.90
CA GLU B 101 -13.80 4.88 5.00
C GLU B 101 -14.39 4.41 6.31
N ALA B 102 -13.53 3.95 7.22
CA ALA B 102 -13.91 3.48 8.54
C ALA B 102 -13.04 4.21 9.55
N PHE B 103 -13.64 5.12 10.33
CA PHE B 103 -12.92 5.92 11.32
C PHE B 103 -13.12 5.30 12.71
N THR B 104 -12.76 4.02 12.81
CA THR B 104 -12.88 3.18 14.00
C THR B 104 -11.49 2.81 14.50
N ASP B 105 -11.40 2.40 15.80
CA ASP B 105 -10.15 2.00 16.46
C ASP B 105 -9.38 0.90 15.73
N GLN B 106 -10.12 -0.02 15.08
CA GLN B 106 -9.57 -1.12 14.28
C GLN B 106 -8.72 -0.57 13.12
N TYR B 107 -9.18 0.51 12.47
CA TYR B 107 -8.49 1.08 11.32
C TYR B 107 -7.66 2.33 11.62
N LYS B 108 -7.47 2.65 12.93
CA LYS B 108 -6.63 3.75 13.37
C LYS B 108 -5.19 3.40 13.01
N ILE B 109 -4.48 4.34 12.40
CA ILE B 109 -3.10 4.14 11.98
C ILE B 109 -2.18 3.97 13.20
N LYS B 110 -1.27 3.01 13.15
CA LYS B 110 -0.24 2.80 14.16
C LYS B 110 0.98 3.44 13.52
N PHE B 111 1.42 4.60 14.04
CA PHE B 111 2.50 5.43 13.49
C PHE B 111 3.79 4.66 13.09
N GLN B 112 4.30 3.73 13.93
CA GLN B 112 5.51 2.97 13.61
C GLN B 112 5.31 2.07 12.39
N GLU B 113 4.14 1.41 12.33
CA GLU B 113 3.73 0.54 11.23
C GLU B 113 3.65 1.37 9.96
N PHE B 114 3.14 2.62 10.05
CA PHE B 114 3.05 3.56 8.94
C PHE B 114 4.45 3.91 8.41
N LEU B 115 5.39 4.23 9.32
CA LEU B 115 6.76 4.58 8.96
C LEU B 115 7.48 3.42 8.28
N ASP B 116 7.29 2.20 8.82
CA ASP B 116 7.89 0.98 8.28
C ASP B 116 7.31 0.65 6.92
N ARG B 117 5.97 0.77 6.79
CA ARG B 117 5.24 0.48 5.55
C ARG B 117 5.69 1.38 4.40
N PHE B 118 5.94 2.67 4.68
CA PHE B 118 6.29 3.61 3.61
C PHE B 118 7.78 3.94 3.51
N GLY B 119 8.61 3.17 4.19
CA GLY B 119 10.06 3.32 4.16
C GLY B 119 10.59 4.66 4.61
N ILE B 120 9.98 5.23 5.67
CA ILE B 120 10.42 6.50 6.22
C ILE B 120 11.43 6.18 7.32
N TYR B 121 12.69 6.63 7.16
CA TYR B 121 13.72 6.39 8.17
C TYR B 121 13.40 7.12 9.46
N TYR B 122 13.55 6.42 10.58
CA TYR B 122 13.30 6.98 11.90
C TYR B 122 14.31 6.45 12.90
N GLN B 123 14.41 7.14 14.03
CA GLN B 123 15.29 6.79 15.12
C GLN B 123 14.49 6.89 16.41
N PRO B 124 14.96 6.27 17.53
CA PRO B 124 14.21 6.39 18.79
C PRO B 124 14.14 7.84 19.25
N SER B 125 13.01 8.23 19.84
CA SER B 125 12.80 9.58 20.35
C SER B 125 13.55 9.79 21.67
N THR B 126 14.14 10.99 21.86
CA THR B 126 14.85 11.37 23.09
C THR B 126 13.88 12.01 24.10
N ASN B 127 12.62 12.27 23.68
CA ASN B 127 11.55 12.84 24.49
C ASN B 127 10.21 12.30 23.98
N LYS B 128 9.78 11.14 24.54
CA LYS B 128 8.54 10.44 24.17
C LYS B 128 7.27 11.28 24.35
N ASN B 129 7.32 12.32 25.22
CA ASN B 129 6.21 13.24 25.48
C ASN B 129 6.00 14.19 24.32
N ALA B 130 7.09 14.62 23.66
CA ALA B 130 7.04 15.53 22.51
C ALA B 130 6.81 14.77 21.20
N GLU B 131 7.46 13.60 21.04
CA GLU B 131 7.35 12.80 19.81
C GLU B 131 7.54 11.30 20.04
N LEU B 132 6.78 10.48 19.28
CA LEU B 132 6.83 9.03 19.32
C LEU B 132 8.16 8.51 18.76
N PHE B 133 8.68 9.19 17.71
CA PHE B 133 9.94 8.86 17.05
C PHE B 133 10.66 10.10 16.61
N LYS B 134 11.99 10.00 16.45
CA LYS B 134 12.80 11.08 15.93
C LYS B 134 12.84 10.86 14.41
N VAL B 135 12.23 11.79 13.66
CA VAL B 135 12.19 11.74 12.21
C VAL B 135 12.72 13.06 11.66
N ALA B 136 13.81 13.00 10.86
CA ALA B 136 14.43 14.17 10.24
C ALA B 136 13.52 14.70 9.15
N ASP B 137 13.53 16.02 8.91
CA ASP B 137 12.68 16.66 7.88
C ASP B 137 12.90 16.07 6.48
N SER B 138 14.15 15.77 6.11
CA SER B 138 14.51 15.20 4.80
C SER B 138 13.87 13.82 4.54
N ASP B 139 13.53 13.08 5.62
CA ASP B 139 12.89 11.77 5.50
C ASP B 139 11.37 11.86 5.56
N ILE B 140 10.82 13.02 5.98
CA ILE B 140 9.36 13.27 6.02
C ILE B 140 8.92 13.56 4.60
N PRO B 141 7.97 12.80 4.03
CA PRO B 141 7.67 12.99 2.62
C PRO B 141 6.78 14.19 2.29
N SER B 142 6.98 15.34 2.97
CA SER B 142 6.20 16.58 2.78
C SER B 142 6.36 17.17 1.36
N ALA B 143 7.52 16.93 0.68
CA ALA B 143 7.79 17.38 -0.69
C ALA B 143 7.23 16.39 -1.71
N GLU B 144 7.01 15.14 -1.29
CA GLU B 144 6.50 14.06 -2.13
C GLU B 144 4.98 13.96 -2.16
N VAL B 145 4.29 14.61 -1.21
CA VAL B 145 2.84 14.67 -1.16
C VAL B 145 2.43 15.86 -2.07
N LYS B 146 2.10 15.54 -3.33
CA LYS B 146 1.78 16.54 -4.35
C LYS B 146 0.30 16.55 -4.71
N ALA B 147 -0.51 15.85 -3.90
CA ALA B 147 -1.95 15.77 -4.10
C ALA B 147 -2.65 15.26 -2.84
N TYR B 148 -3.94 15.56 -2.73
CA TYR B 148 -4.81 15.07 -1.67
C TYR B 148 -6.13 14.63 -2.26
N TYR B 149 -6.75 13.60 -1.65
CA TYR B 149 -8.13 13.25 -1.97
C TYR B 149 -8.92 14.02 -0.92
N VAL B 150 -10.01 14.68 -1.34
CA VAL B 150 -10.87 15.47 -0.47
C VAL B 150 -12.27 14.83 -0.57
N LYS B 151 -12.79 14.37 0.57
CA LYS B 151 -14.11 13.77 0.65
C LYS B 151 -15.04 14.88 1.08
N GLU B 152 -16.06 15.13 0.26
CA GLU B 152 -17.07 16.18 0.41
C GLU B 152 -18.45 15.59 0.60
N GLU B 153 -19.27 16.30 1.38
CA GLU B 153 -20.67 15.99 1.59
C GLU B 153 -21.44 17.14 0.95
N TRP B 154 -22.25 16.85 -0.06
CA TRP B 154 -23.03 17.84 -0.79
C TRP B 154 -24.44 17.89 -0.22
N TYR B 155 -24.88 19.06 0.16
CA TYR B 155 -26.21 19.22 0.69
C TYR B 155 -27.01 19.95 -0.34
N PHE B 156 -28.16 19.41 -0.70
CA PHE B 156 -29.04 20.02 -1.67
C PHE B 156 -30.31 20.36 -0.93
N THR B 157 -30.97 21.41 -1.35
CA THR B 157 -32.19 21.80 -0.69
C THR B 157 -33.32 22.01 -1.65
N PRO B 158 -34.49 22.29 -1.08
CA PRO B 158 -35.69 22.62 -1.87
C PRO B 158 -35.88 24.14 -2.00
N THR B 159 -34.82 24.89 -1.70
CA THR B 159 -34.78 26.33 -1.81
C THR B 159 -34.82 26.50 -3.29
N ASN B 160 -33.75 26.05 -3.92
CA ASN B 160 -33.64 26.10 -5.35
C ASN B 160 -32.65 25.01 -5.68
N SER B 161 -31.48 25.38 -6.15
CA SER B 161 -30.45 24.41 -6.44
C SER B 161 -29.28 24.70 -5.55
N ASP B 162 -29.53 24.94 -4.26
CA ASP B 162 -28.46 25.21 -3.33
C ASP B 162 -27.63 23.98 -3.21
N VAL B 163 -26.40 24.01 -3.67
CA VAL B 163 -25.52 22.86 -3.49
C VAL B 163 -24.56 23.38 -2.44
N ASP B 164 -24.57 22.87 -1.22
CA ASP B 164 -23.68 23.44 -0.25
C ASP B 164 -22.67 22.33 -0.06
N ILE B 165 -21.40 22.65 -0.17
CA ILE B 165 -20.35 21.63 -0.09
C ILE B 165 -19.59 21.65 1.25
N LYS B 166 -19.63 20.53 2.03
CA LYS B 166 -18.90 20.45 3.31
C LYS B 166 -17.83 19.39 3.28
N ILE B 167 -16.58 19.81 3.53
CA ILE B 167 -15.44 18.91 3.61
C ILE B 167 -15.58 17.95 4.80
N GLN B 168 -15.37 16.65 4.57
CA GLN B 168 -15.51 15.61 5.60
C GLN B 168 -14.19 15.00 6.05
N ALA B 169 -13.27 14.80 5.09
CA ALA B 169 -11.98 14.16 5.34
C ALA B 169 -11.02 14.45 4.21
N ILE B 170 -9.71 14.35 4.50
CA ILE B 170 -8.67 14.55 3.50
C ILE B 170 -7.70 13.39 3.55
N CYS B 171 -7.09 13.08 2.41
CA CYS B 171 -6.16 11.97 2.30
C CYS B 171 -4.91 12.41 1.53
N PRO B 172 -3.74 12.57 2.19
CA PRO B 172 -2.52 12.89 1.42
C PRO B 172 -2.09 11.73 0.50
N ILE B 173 -1.67 12.07 -0.72
CA ILE B 173 -1.20 11.11 -1.71
C ILE B 173 0.28 11.34 -1.91
N MSE B 174 1.09 10.33 -1.61
CA MSE B 174 2.52 10.44 -1.77
C MSE B 174 2.96 9.88 -3.12
O MSE B 174 2.50 8.80 -3.52
CB MSE B 174 3.20 9.69 -0.62
CG MSE B 174 4.70 9.84 -0.61
SE MSE B 174 5.47 8.68 0.72
CE MSE B 174 5.02 6.89 -0.01
N THR B 175 3.84 10.61 -3.82
CA THR B 175 4.44 10.20 -5.10
C THR B 175 5.92 10.02 -4.84
N GLY B 176 6.46 8.87 -5.20
CA GLY B 176 7.88 8.59 -5.00
C GLY B 176 8.27 7.21 -5.44
N GLN B 177 9.59 6.96 -5.46
CA GLN B 177 10.12 5.67 -5.83
C GLN B 177 10.11 4.75 -4.62
N ASP B 178 9.67 3.50 -4.82
CA ASP B 178 9.72 2.52 -3.74
C ASP B 178 11.09 1.87 -3.73
N GLU B 179 11.29 0.86 -2.86
CA GLU B 179 12.54 0.10 -2.73
C GLU B 179 12.94 -0.65 -4.02
N PHE B 180 11.97 -0.93 -4.90
CA PHE B 180 12.17 -1.68 -6.14
C PHE B 180 12.21 -0.80 -7.42
N GLY B 181 12.43 0.50 -7.23
CA GLY B 181 12.56 1.48 -8.31
C GLY B 181 11.29 1.98 -8.98
N GLU B 182 10.12 1.48 -8.56
CA GLU B 182 8.84 1.89 -9.15
C GLU B 182 8.28 3.18 -8.58
N VAL B 183 7.91 4.12 -9.46
CA VAL B 183 7.28 5.38 -9.06
C VAL B 183 5.80 5.06 -8.87
N ARG B 184 5.28 5.31 -7.67
CA ARG B 184 3.91 4.99 -7.31
C ARG B 184 3.20 6.17 -6.64
N ASN B 185 1.87 6.24 -6.82
CA ASN B 185 0.99 7.23 -6.18
C ASN B 185 0.32 6.46 -5.08
N GLN B 186 0.59 6.81 -3.84
CA GLN B 186 0.03 6.05 -2.73
C GLN B 186 -0.78 6.89 -1.76
N PRO B 187 -2.12 6.67 -1.69
CA PRO B 187 -2.93 7.37 -0.68
C PRO B 187 -2.42 6.88 0.68
N LEU B 188 -2.07 7.80 1.58
CA LEU B 188 -1.44 7.46 2.85
C LEU B 188 -2.39 7.05 3.97
N PHE B 189 -3.43 7.83 4.22
CA PHE B 189 -4.40 7.63 5.28
C PHE B 189 -5.46 8.70 5.17
N TRP B 190 -6.59 8.50 5.85
CA TRP B 190 -7.67 9.47 5.90
C TRP B 190 -7.63 10.23 7.20
N ILE B 191 -7.78 11.56 7.09
CA ILE B 191 -7.82 12.45 8.23
C ILE B 191 -9.25 12.96 8.31
N PRO B 192 -10.05 12.58 9.33
CA PRO B 192 -11.38 13.19 9.47
C PRO B 192 -11.16 14.70 9.63
N TYR B 193 -11.90 15.52 8.86
CA TYR B 193 -11.70 16.96 8.86
C TYR B 193 -11.82 17.58 10.25
N GLU B 194 -12.73 17.08 11.10
CA GLU B 194 -12.93 17.53 12.48
C GLU B 194 -11.67 17.39 13.35
N ASN B 195 -10.86 16.34 13.10
CA ASN B 195 -9.64 16.08 13.86
C ASN B 195 -8.56 17.12 13.57
N ILE B 196 -8.42 17.53 12.31
CA ILE B 196 -7.39 18.47 11.88
C ILE B 196 -7.82 19.94 12.02
N ARG B 197 -9.15 20.23 11.88
CA ARG B 197 -9.74 21.56 11.93
C ARG B 197 -9.20 22.47 13.05
N PRO B 198 -9.15 22.10 14.36
CA PRO B 198 -8.64 23.06 15.36
C PRO B 198 -7.20 23.54 15.12
N TYR B 199 -6.34 22.68 14.54
CA TYR B 199 -4.94 23.00 14.23
C TYR B 199 -4.77 23.87 12.98
N ILE B 200 -5.49 23.56 11.90
CA ILE B 200 -5.36 24.33 10.66
C ILE B 200 -6.17 25.65 10.74
N ALA B 201 -7.06 25.79 11.76
CA ALA B 201 -7.78 27.03 12.07
C ALA B 201 -6.81 28.02 12.73
N ARG B 202 -5.63 27.54 13.19
CA ARG B 202 -4.57 28.35 13.80
C ARG B 202 -3.36 28.50 12.85
N GLU B 203 -3.52 28.09 11.57
CA GLU B 203 -2.45 28.15 10.56
C GLU B 203 -2.79 29.20 9.52
N ARG B 204 -2.12 30.36 9.57
CA ARG B 204 -2.34 31.46 8.64
C ARG B 204 -1.68 31.20 7.29
N VAL B 205 -2.38 31.57 6.21
CA VAL B 205 -1.91 31.45 4.82
C VAL B 205 -2.38 32.63 3.99
N MSE B 206 -1.51 33.12 3.10
CA MSE B 206 -1.81 34.23 2.19
C MSE B 206 -2.43 33.70 0.91
O MSE B 206 -1.89 32.79 0.28
CB MSE B 206 -0.53 35.02 1.86
CG MSE B 206 0.04 35.79 3.03
SE MSE B 206 -1.04 37.32 3.45
CE MSE B 206 0.29 38.73 3.28
N LEU B 207 -3.59 34.27 0.53
CA LEU B 207 -4.31 33.88 -0.68
C LEU B 207 -4.63 35.10 -1.52
N SER B 208 -4.16 35.11 -2.79
CA SER B 208 -4.36 36.20 -3.75
C SER B 208 -5.83 36.43 -4.08
N SER B 209 -6.65 35.35 -4.03
CA SER B 209 -8.09 35.40 -4.26
C SER B 209 -8.80 36.12 -3.12
N LEU B 210 -8.17 36.15 -1.93
CA LEU B 210 -8.66 36.84 -0.74
C LEU B 210 -7.89 38.16 -0.53
N ASN B 211 -7.25 38.66 -1.61
CA ASN B 211 -6.45 39.89 -1.66
C ASN B 211 -5.33 39.93 -0.60
N ASN B 212 -4.73 38.75 -0.33
CA ASN B 212 -3.62 38.52 0.59
C ASN B 212 -3.86 39.08 2.02
N THR B 213 -5.06 38.78 2.59
CA THR B 213 -5.40 39.14 3.98
C THR B 213 -4.49 38.28 4.87
N ARG B 214 -4.05 38.83 6.02
CA ARG B 214 -3.25 38.07 6.98
C ARG B 214 -4.14 37.32 7.98
N ASN B 215 -5.47 37.35 7.78
CA ASN B 215 -6.44 36.69 8.64
C ASN B 215 -6.93 35.35 8.13
N SER B 216 -6.64 35.01 6.86
CA SER B 216 -7.07 33.73 6.29
C SER B 216 -6.23 32.58 6.79
N THR B 217 -6.89 31.47 7.06
CA THR B 217 -6.26 30.25 7.58
C THR B 217 -6.41 29.12 6.57
N ILE B 218 -5.71 27.98 6.81
CA ILE B 218 -5.81 26.78 5.98
C ILE B 218 -7.24 26.22 6.13
N ASP B 219 -7.82 26.37 7.33
CA ASP B 219 -9.21 25.97 7.60
C ASP B 219 -10.15 26.74 6.68
N ASP B 220 -9.91 28.07 6.48
CA ASP B 220 -10.71 28.91 5.59
C ASP B 220 -10.59 28.41 4.17
N PHE B 221 -9.39 28.02 3.74
CA PHE B 221 -9.10 27.48 2.41
C PHE B 221 -9.99 26.29 2.09
N PHE B 222 -10.11 25.34 3.04
CA PHE B 222 -10.95 24.16 2.90
C PHE B 222 -12.44 24.44 3.09
N ARG B 223 -12.83 25.14 4.17
CA ARG B 223 -14.23 25.45 4.48
C ARG B 223 -14.87 26.31 3.35
N LEU B 224 -14.10 27.23 2.75
CA LEU B 224 -14.61 28.10 1.68
C LEU B 224 -14.44 27.54 0.28
N ASN B 225 -14.08 26.23 0.16
CA ASN B 225 -13.90 25.49 -1.09
C ASN B 225 -12.98 26.22 -2.08
N LEU B 226 -11.86 26.75 -1.58
CA LEU B 226 -10.90 27.49 -2.40
C LEU B 226 -9.97 26.55 -3.16
N TYR B 227 -9.94 25.27 -2.77
CA TYR B 227 -9.18 24.23 -3.45
C TYR B 227 -9.86 23.92 -4.79
N LYS B 228 -9.09 23.40 -5.75
CA LYS B 228 -9.62 23.03 -7.06
C LYS B 228 -9.20 21.62 -7.40
N GLY B 229 -10.13 20.85 -7.94
CA GLY B 229 -9.88 19.47 -8.32
C GLY B 229 -11.03 18.78 -9.00
N ASP B 230 -10.72 17.67 -9.67
CA ASP B 230 -11.70 16.87 -10.40
C ASP B 230 -12.36 15.83 -9.52
N ILE B 231 -13.65 15.57 -9.78
CA ILE B 231 -14.43 14.56 -9.07
C ILE B 231 -13.98 13.18 -9.58
N VAL B 232 -13.50 12.33 -8.67
CA VAL B 232 -12.97 11.01 -9.02
C VAL B 232 -13.91 9.87 -8.60
N LYS B 233 -14.92 10.16 -7.75
CA LYS B 233 -15.89 9.18 -7.25
C LYS B 233 -17.08 9.88 -6.60
N THR B 234 -18.28 9.29 -6.76
CA THR B 234 -19.53 9.74 -6.14
C THR B 234 -20.22 8.52 -5.55
N GLU B 235 -20.79 8.66 -4.33
CA GLU B 235 -21.48 7.54 -3.66
C GLU B 235 -22.96 7.84 -3.45
#